data_1TMR
#
_entry.id   1TMR
#
_cell.length_a   1.000
_cell.length_b   1.000
_cell.length_c   1.000
_cell.angle_alpha   90.00
_cell.angle_beta   90.00
_cell.angle_gamma   90.00
#
_symmetry.space_group_name_H-M   'P 1'
#
_entity_poly.entity_id   1
_entity_poly.type   'polypeptide(L)'
_entity_poly.pdbx_seq_one_letter_code
;VCAEGFAPIPGEPHRCQLF
;
_entity_poly.pdbx_strand_id   A
#
# COMPACT_ATOMS: atom_id res chain seq x y z
N VAL A 1 3.51 -6.17 -3.37
CA VAL A 1 2.05 -6.54 -3.40
C VAL A 1 1.47 -6.36 -1.96
N CYS A 2 0.20 -6.72 -1.71
CA CYS A 2 -0.41 -6.61 -0.34
C CYS A 2 -1.76 -7.41 -0.25
N ALA A 3 -2.87 -6.77 0.14
CA ALA A 3 -4.19 -7.39 0.42
C ALA A 3 -5.37 -6.71 -0.37
N GLU A 4 -6.52 -7.38 -0.54
CA GLU A 4 -7.72 -6.77 -1.20
C GLU A 4 -8.23 -5.53 -0.39
N GLY A 5 -7.89 -4.31 -0.88
CA GLY A 5 -8.16 -3.02 -0.18
C GLY A 5 -6.85 -2.22 0.11
N PHE A 6 -5.74 -2.54 -0.56
CA PHE A 6 -4.39 -1.96 -0.27
C PHE A 6 -3.54 -1.59 -1.53
N ALA A 7 -2.34 -0.99 -1.33
CA ALA A 7 -1.55 -0.34 -2.42
C ALA A 7 -0.28 0.40 -1.89
N PRO A 8 0.73 0.82 -2.72
CA PRO A 8 1.98 1.45 -2.19
C PRO A 8 1.72 2.71 -1.28
N ILE A 9 2.73 3.38 -0.67
CA ILE A 9 2.58 4.60 0.18
C ILE A 9 3.19 5.94 -0.40
N PRO A 10 2.62 7.17 -0.19
CA PRO A 10 3.17 8.41 -0.79
C PRO A 10 4.62 8.77 -0.30
N GLY A 11 5.73 8.49 -1.01
CA GLY A 11 7.11 8.84 -0.53
C GLY A 11 7.79 7.64 0.23
N GLU A 12 7.03 6.60 0.59
CA GLU A 12 7.58 5.35 1.20
C GLU A 12 7.06 4.03 0.49
N PRO A 13 7.72 3.45 -0.56
CA PRO A 13 7.14 2.33 -1.34
C PRO A 13 7.42 0.90 -0.74
N HIS A 14 7.44 0.67 0.59
CA HIS A 14 7.62 -0.66 1.24
C HIS A 14 6.36 -1.29 1.93
N ARG A 15 5.47 -0.44 2.49
CA ARG A 15 4.28 -0.91 3.26
C ARG A 15 2.95 -0.34 2.68
N CYS A 16 1.78 -0.78 3.19
CA CYS A 16 0.47 -0.55 2.53
C CYS A 16 -0.33 0.61 3.24
N GLN A 17 -1.65 0.66 3.02
CA GLN A 17 -2.58 1.71 3.54
C GLN A 17 -4.06 1.26 3.33
N LEU A 18 -4.95 2.12 2.81
CA LEU A 18 -6.26 1.71 2.21
C LEU A 18 -6.14 1.61 0.65
N PHE A 19 -7.18 1.13 -0.05
CA PHE A 19 -7.24 1.03 -1.55
C PHE A 19 -7.84 2.41 -1.98
N VAL A 1 0.94 -5.31 -5.86
CA VAL A 1 0.38 -6.47 -5.08
C VAL A 1 0.54 -6.16 -3.56
N CYS A 2 -0.45 -6.48 -2.70
CA CYS A 2 -0.34 -6.27 -1.22
C CYS A 2 -1.47 -7.05 -0.45
N ALA A 3 -2.56 -6.35 -0.09
CA ALA A 3 -3.72 -6.86 0.69
C ALA A 3 -5.10 -6.58 -0.02
N GLU A 4 -6.18 -7.31 0.29
CA GLU A 4 -7.53 -7.04 -0.29
C GLU A 4 -8.11 -5.67 0.22
N GLY A 5 -7.88 -4.59 -0.56
CA GLY A 5 -8.26 -3.20 -0.20
C GLY A 5 -7.00 -2.30 0.06
N PHE A 6 -5.85 -2.64 -0.52
CA PHE A 6 -4.54 -1.98 -0.25
C PHE A 6 -3.70 -1.60 -1.52
N ALA A 7 -2.67 -0.74 -1.35
CA ALA A 7 -1.91 -0.13 -2.48
C ALA A 7 -0.56 0.53 -2.00
N PRO A 8 0.40 0.97 -2.88
CA PRO A 8 1.69 1.55 -2.41
C PRO A 8 1.54 2.78 -1.46
N ILE A 9 2.60 3.41 -0.92
CA ILE A 9 2.54 4.61 -0.03
C ILE A 9 3.15 5.94 -0.63
N PRO A 10 2.69 7.18 -0.31
CA PRO A 10 3.21 8.42 -0.98
C PRO A 10 4.78 8.49 -1.06
N GLY A 11 5.57 8.57 0.04
CA GLY A 11 7.06 8.61 -0.04
C GLY A 11 7.70 7.34 0.64
N GLU A 12 6.90 6.30 0.90
CA GLU A 12 7.38 5.05 1.57
C GLU A 12 6.90 3.73 0.81
N PRO A 13 7.39 3.35 -0.41
CA PRO A 13 6.82 2.20 -1.17
C PRO A 13 7.32 0.79 -0.67
N HIS A 14 7.62 0.55 0.63
CA HIS A 14 7.78 -0.80 1.25
C HIS A 14 6.50 -1.38 1.96
N ARG A 15 5.59 -0.49 2.42
CA ARG A 15 4.40 -0.88 3.23
C ARG A 15 3.06 -0.45 2.52
N CYS A 16 1.92 -0.51 3.24
CA CYS A 16 0.56 -0.41 2.62
C CYS A 16 -0.37 0.55 3.44
N GLN A 17 -1.63 0.72 3.01
CA GLN A 17 -2.57 1.78 3.46
C GLN A 17 -4.04 1.35 3.17
N LEU A 18 -4.91 2.22 2.63
CA LEU A 18 -6.17 1.82 1.94
C LEU A 18 -5.94 1.61 0.40
N PHE A 19 -6.92 1.09 -0.36
CA PHE A 19 -6.87 0.90 -1.84
C PHE A 19 -7.32 2.28 -2.40
N VAL A 1 1.11 -9.86 -4.25
CA VAL A 1 -0.03 -8.94 -3.96
C VAL A 1 0.04 -8.50 -2.45
N CYS A 2 -0.63 -7.40 -2.06
CA CYS A 2 -0.67 -6.93 -0.64
C CYS A 2 -1.93 -7.48 0.12
N ALA A 3 -3.07 -6.77 0.03
CA ALA A 3 -4.35 -7.09 0.73
C ALA A 3 -5.62 -6.75 -0.14
N GLU A 4 -6.81 -7.24 0.21
CA GLU A 4 -8.08 -6.91 -0.51
C GLU A 4 -8.58 -5.47 -0.16
N GLY A 5 -8.07 -4.45 -0.90
CA GLY A 5 -8.40 -3.01 -0.66
C GLY A 5 -7.11 -2.20 -0.28
N PHE A 6 -5.92 -2.68 -0.64
CA PHE A 6 -4.62 -2.08 -0.22
C PHE A 6 -3.62 -1.72 -1.39
N ALA A 7 -2.77 -0.70 -1.17
CA ALA A 7 -1.86 -0.13 -2.21
C ALA A 7 -0.51 0.41 -1.59
N PRO A 8 0.48 0.94 -2.34
CA PRO A 8 1.78 1.37 -1.76
C PRO A 8 1.67 2.55 -0.73
N ILE A 9 2.73 3.32 -0.39
CA ILE A 9 2.71 4.49 0.55
C ILE A 9 3.19 5.86 -0.06
N PRO A 10 2.66 7.08 0.31
CA PRO A 10 2.85 8.31 -0.50
C PRO A 10 4.34 8.55 -0.97
N GLY A 11 5.35 8.80 -0.11
CA GLY A 11 6.76 9.02 -0.56
C GLY A 11 7.71 7.84 -0.11
N GLU A 12 7.19 6.86 0.64
CA GLU A 12 7.97 5.67 1.10
C GLU A 12 7.31 4.30 0.68
N PRO A 13 7.39 3.79 -0.58
CA PRO A 13 6.49 2.70 -1.07
C PRO A 13 7.00 1.24 -0.78
N HIS A 14 7.51 0.86 0.39
CA HIS A 14 7.75 -0.57 0.84
C HIS A 14 6.58 -1.23 1.65
N ARG A 15 5.66 -0.42 2.20
CA ARG A 15 4.54 -0.91 3.07
C ARG A 15 3.16 -0.43 2.54
N CYS A 16 2.04 -0.95 3.10
CA CYS A 16 0.68 -0.79 2.51
C CYS A 16 -0.13 0.36 3.23
N GLN A 17 -1.45 0.42 3.01
CA GLN A 17 -2.36 1.50 3.51
C GLN A 17 -3.82 1.16 3.07
N LEU A 18 -4.60 2.11 2.52
CA LEU A 18 -5.81 1.81 1.70
C LEU A 18 -5.42 1.55 0.19
N PHE A 19 -6.37 1.16 -0.66
CA PHE A 19 -6.18 0.93 -2.12
C PHE A 19 -6.27 2.36 -2.74
N VAL A 1 -1.71 -9.11 -4.76
CA VAL A 1 -0.65 -8.19 -4.23
C VAL A 1 -1.08 -7.71 -2.79
N CYS A 2 -0.23 -7.81 -1.76
CA CYS A 2 -0.42 -7.08 -0.47
C CYS A 2 -1.64 -7.65 0.35
N ALA A 3 -2.84 -7.06 0.18
CA ALA A 3 -4.09 -7.38 0.91
C ALA A 3 -5.36 -6.95 0.09
N GLU A 4 -6.56 -7.51 0.33
CA GLU A 4 -7.81 -7.10 -0.37
C GLU A 4 -8.34 -5.71 0.16
N GLY A 5 -7.95 -4.61 -0.53
CA GLY A 5 -8.31 -3.22 -0.15
C GLY A 5 -7.05 -2.29 0.02
N PHE A 6 -5.87 -2.70 -0.50
CA PHE A 6 -4.59 -1.98 -0.27
C PHE A 6 -3.83 -1.48 -1.55
N ALA A 7 -2.99 -0.44 -1.40
CA ALA A 7 -2.14 0.16 -2.47
C ALA A 7 -0.77 0.70 -1.91
N PRO A 8 0.29 1.02 -2.70
CA PRO A 8 1.61 1.43 -2.15
C PRO A 8 1.54 2.75 -1.29
N ILE A 9 2.65 3.32 -0.77
CA ILE A 9 2.68 4.59 0.03
C ILE A 9 3.59 5.74 -0.56
N PRO A 10 3.31 7.07 -0.47
CA PRO A 10 3.99 8.09 -1.33
C PRO A 10 5.40 8.55 -0.80
N GLY A 11 5.70 8.61 0.53
CA GLY A 11 7.04 9.03 1.03
C GLY A 11 7.96 7.78 1.24
N GLU A 12 7.39 6.61 1.50
CA GLU A 12 8.13 5.31 1.60
C GLU A 12 7.42 4.14 0.82
N PRO A 13 7.67 3.84 -0.50
CA PRO A 13 6.78 2.95 -1.29
C PRO A 13 7.03 1.40 -1.09
N HIS A 14 7.50 0.92 0.08
CA HIS A 14 7.47 -0.53 0.50
C HIS A 14 6.28 -0.96 1.42
N ARG A 15 5.49 0.01 1.93
CA ARG A 15 4.40 -0.23 2.93
C ARG A 15 2.98 -0.14 2.29
N CYS A 16 1.94 -0.64 2.99
CA CYS A 16 0.58 -0.87 2.41
C CYS A 16 -0.51 -0.04 3.18
N GLN A 17 -1.52 0.47 2.45
CA GLN A 17 -2.44 1.54 2.94
C GLN A 17 -3.93 1.15 2.65
N LEU A 18 -4.82 2.10 2.36
CA LEU A 18 -6.18 1.85 1.80
C LEU A 18 -6.12 1.56 0.25
N PHE A 19 -7.25 1.25 -0.40
CA PHE A 19 -7.38 1.02 -1.86
C PHE A 19 -7.40 2.46 -2.45
N VAL A 1 2.66 -7.76 -2.88
CA VAL A 1 1.25 -8.23 -3.07
C VAL A 1 0.33 -7.50 -2.04
N CYS A 2 0.62 -7.52 -0.73
CA CYS A 2 -0.15 -6.76 0.31
C CYS A 2 -1.49 -7.50 0.68
N ALA A 3 -2.60 -7.21 -0.02
CA ALA A 3 -3.99 -7.61 0.33
C ALA A 3 -5.07 -6.91 -0.56
N GLU A 4 -6.21 -7.56 -0.85
CA GLU A 4 -7.38 -6.91 -1.53
C GLU A 4 -7.97 -5.76 -0.66
N GLY A 5 -7.64 -4.49 -1.00
CA GLY A 5 -8.05 -3.29 -0.24
C GLY A 5 -6.88 -2.28 0.03
N PHE A 6 -5.69 -2.52 -0.53
CA PHE A 6 -4.46 -1.73 -0.23
C PHE A 6 -3.68 -1.18 -1.48
N ALA A 7 -2.80 -0.18 -1.27
CA ALA A 7 -1.97 0.46 -2.32
C ALA A 7 -0.62 1.04 -1.73
N PRO A 8 0.43 1.41 -2.53
CA PRO A 8 1.72 1.88 -1.95
C PRO A 8 1.56 3.14 -1.01
N ILE A 9 2.59 3.70 -0.36
CA ILE A 9 2.51 4.90 0.53
C ILE A 9 3.23 6.19 -0.04
N PRO A 10 2.77 7.46 0.17
CA PRO A 10 3.23 8.64 -0.64
C PRO A 10 4.78 8.72 -0.92
N GLY A 11 5.71 8.44 0.00
CA GLY A 11 7.19 8.53 -0.29
C GLY A 11 7.96 7.21 0.07
N GLU A 12 7.25 6.11 0.40
CA GLU A 12 7.86 4.83 0.80
C GLU A 12 7.05 3.57 0.29
N PRO A 13 7.13 3.09 -0.99
CA PRO A 13 6.21 2.04 -1.51
C PRO A 13 6.61 0.57 -1.09
N HIS A 14 7.22 0.30 0.07
CA HIS A 14 7.32 -1.05 0.71
C HIS A 14 6.21 -1.40 1.77
N ARG A 15 5.57 -0.35 2.36
CA ARG A 15 4.44 -0.52 3.31
C ARG A 15 3.06 -0.31 2.60
N CYS A 16 1.94 -0.24 3.35
CA CYS A 16 0.57 -0.40 2.80
C CYS A 16 -0.47 0.52 3.55
N GLN A 17 -1.60 0.83 2.90
CA GLN A 17 -2.63 1.80 3.39
C GLN A 17 -4.06 1.26 3.04
N LEU A 18 -5.03 2.12 2.73
CA LEU A 18 -6.29 1.74 2.03
C LEU A 18 -6.06 1.59 0.48
N PHE A 19 -7.07 1.15 -0.29
CA PHE A 19 -7.01 1.02 -1.77
C PHE A 19 -7.44 2.44 -2.28
N VAL A 1 1.79 -10.13 0.18
CA VAL A 1 0.70 -9.94 -0.83
C VAL A 1 -0.25 -8.79 -0.35
N CYS A 2 0.26 -7.73 0.31
CA CYS A 2 -0.54 -6.50 0.63
C CYS A 2 -1.89 -6.87 1.34
N ALA A 3 -3.01 -6.91 0.59
CA ALA A 3 -4.39 -7.11 1.11
C ALA A 3 -5.49 -6.84 0.03
N GLU A 4 -6.72 -7.37 0.18
CA GLU A 4 -7.85 -7.11 -0.75
C GLU A 4 -8.48 -5.69 -0.52
N GLY A 5 -8.05 -4.69 -1.33
CA GLY A 5 -8.47 -3.28 -1.20
C GLY A 5 -7.29 -2.34 -0.80
N PHE A 6 -6.04 -2.73 -1.08
CA PHE A 6 -4.82 -2.00 -0.61
C PHE A 6 -3.85 -1.51 -1.73
N ALA A 7 -2.91 -0.60 -1.40
CA ALA A 7 -2.11 0.18 -2.38
C ALA A 7 -0.71 0.59 -1.79
N PRO A 8 0.18 1.38 -2.47
CA PRO A 8 1.53 1.72 -1.94
C PRO A 8 1.52 2.90 -0.91
N ILE A 9 2.66 3.52 -0.49
CA ILE A 9 2.74 4.67 0.45
C ILE A 9 3.24 6.03 -0.18
N PRO A 10 2.77 7.26 0.20
CA PRO A 10 3.16 8.51 -0.51
C PRO A 10 4.71 8.69 -0.72
N GLY A 11 5.57 8.83 0.32
CA GLY A 11 7.05 8.97 0.12
C GLY A 11 7.83 7.69 0.60
N GLU A 12 7.14 6.62 0.98
CA GLU A 12 7.76 5.34 1.43
C GLU A 12 7.17 4.08 0.67
N PRO A 13 7.42 3.80 -0.65
CA PRO A 13 6.59 2.84 -1.43
C PRO A 13 7.02 1.33 -1.29
N HIS A 14 7.43 0.78 -0.13
CA HIS A 14 7.54 -0.68 0.15
C HIS A 14 6.31 -1.35 0.86
N ARG A 15 5.60 -0.61 1.73
CA ARG A 15 4.51 -1.15 2.58
C ARG A 15 3.10 -0.57 2.20
N CYS A 16 2.02 -1.12 2.75
CA CYS A 16 0.62 -0.88 2.28
C CYS A 16 -0.14 0.13 3.22
N GLN A 17 -1.46 0.27 3.03
CA GLN A 17 -2.30 1.38 3.59
C GLN A 17 -3.80 1.11 3.25
N LEU A 18 -4.52 2.03 2.61
CA LEU A 18 -5.76 1.74 1.84
C LEU A 18 -5.43 1.54 0.30
N PHE A 19 -6.41 1.19 -0.54
CA PHE A 19 -6.26 1.04 -2.02
C PHE A 19 -6.28 2.52 -2.52
N VAL A 1 -0.04 -4.35 -7.04
CA VAL A 1 -0.24 -5.70 -6.40
C VAL A 1 0.15 -5.59 -4.88
N CYS A 2 -0.66 -6.09 -3.95
CA CYS A 2 -0.34 -6.08 -2.49
C CYS A 2 -1.33 -6.95 -1.65
N ALA A 3 -2.36 -6.33 -1.04
CA ALA A 3 -3.38 -6.95 -0.15
C ALA A 3 -4.84 -6.60 -0.58
N GLU A 4 -5.85 -7.39 -0.20
CA GLU A 4 -7.29 -7.09 -0.51
C GLU A 4 -7.79 -5.84 0.28
N GLY A 5 -7.64 -4.63 -0.32
CA GLY A 5 -8.00 -3.33 0.32
C GLY A 5 -6.72 -2.44 0.54
N PHE A 6 -5.68 -2.61 -0.30
CA PHE A 6 -4.35 -1.95 -0.10
C PHE A 6 -3.71 -1.30 -1.38
N ALA A 7 -2.93 -0.22 -1.20
CA ALA A 7 -2.27 0.54 -2.29
C ALA A 7 -0.85 1.10 -1.85
N PRO A 8 0.19 1.23 -2.73
CA PRO A 8 1.54 1.67 -2.27
C PRO A 8 1.53 3.04 -1.51
N ILE A 9 2.65 3.59 -0.97
CA ILE A 9 2.71 4.91 -0.27
C ILE A 9 3.54 6.04 -1.02
N PRO A 10 3.19 7.36 -1.01
CA PRO A 10 3.77 8.35 -1.96
C PRO A 10 5.33 8.43 -1.96
N GLY A 11 6.09 8.24 -0.85
CA GLY A 11 7.57 8.34 -0.86
C GLY A 11 8.27 7.07 -0.29
N GLU A 12 7.61 6.32 0.61
CA GLU A 12 8.13 5.03 1.16
C GLU A 12 7.15 3.81 0.90
N PRO A 13 7.23 3.01 -0.20
CA PRO A 13 6.15 2.06 -0.58
C PRO A 13 6.22 0.67 0.16
N HIS A 14 6.60 0.55 1.45
CA HIS A 14 6.61 -0.72 2.24
C HIS A 14 5.44 -0.89 3.28
N ARG A 15 4.77 0.22 3.66
CA ARG A 15 3.67 0.19 4.67
C ARG A 15 2.26 0.17 3.96
N CYS A 16 1.87 -0.95 3.34
CA CYS A 16 0.70 -1.01 2.42
C CYS A 16 -0.57 -0.37 3.09
N GLN A 17 -1.11 0.71 2.50
CA GLN A 17 -2.08 1.63 3.18
C GLN A 17 -3.53 1.02 3.07
N LEU A 18 -4.57 1.82 2.86
CA LEU A 18 -5.91 1.35 2.38
C LEU A 18 -5.94 1.27 0.81
N PHE A 19 -7.02 0.72 0.23
CA PHE A 19 -7.23 0.63 -1.25
C PHE A 19 -8.34 1.70 -1.53
N VAL A 1 1.37 -2.78 -5.16
CA VAL A 1 0.65 -4.04 -4.82
C VAL A 1 0.83 -4.33 -3.28
N CYS A 2 -0.13 -4.98 -2.61
CA CYS A 2 0.01 -5.35 -1.16
C CYS A 2 -0.98 -6.51 -0.74
N ALA A 3 -2.23 -6.13 -0.37
CA ALA A 3 -3.24 -6.98 0.34
C ALA A 3 -4.70 -6.64 -0.10
N GLU A 4 -5.71 -7.40 0.38
CA GLU A 4 -7.15 -7.12 0.08
C GLU A 4 -7.67 -5.83 0.81
N GLY A 5 -7.55 -4.67 0.13
CA GLY A 5 -7.91 -3.33 0.67
C GLY A 5 -6.65 -2.41 0.76
N PHE A 6 -5.69 -2.56 -0.16
CA PHE A 6 -4.36 -1.88 -0.09
C PHE A 6 -3.70 -1.46 -1.45
N ALA A 7 -3.04 -0.29 -1.47
CA ALA A 7 -2.24 0.22 -2.62
C ALA A 7 -0.83 0.78 -2.14
N PRO A 8 0.18 1.08 -3.01
CA PRO A 8 1.52 1.52 -2.53
C PRO A 8 1.46 2.78 -1.60
N ILE A 9 2.55 3.28 -0.97
CA ILE A 9 2.57 4.49 -0.08
C ILE A 9 3.44 5.70 -0.61
N PRO A 10 3.07 7.01 -0.44
CA PRO A 10 3.77 8.13 -1.13
C PRO A 10 5.33 8.16 -0.91
N GLY A 11 5.89 8.35 0.30
CA GLY A 11 7.37 8.39 0.52
C GLY A 11 7.89 7.07 1.19
N GLU A 12 7.08 6.01 1.28
CA GLU A 12 7.49 4.67 1.77
C GLU A 12 6.91 3.48 0.90
N PRO A 13 7.41 3.14 -0.33
CA PRO A 13 6.80 2.09 -1.18
C PRO A 13 7.12 0.62 -0.72
N HIS A 14 7.37 0.31 0.56
CA HIS A 14 7.34 -1.07 1.17
C HIS A 14 5.99 -1.49 1.85
N ARG A 15 5.28 -0.52 2.46
CA ARG A 15 3.96 -0.72 3.12
C ARG A 15 2.77 -0.32 2.19
N CYS A 16 1.56 -0.15 2.74
CA CYS A 16 0.29 -0.05 1.97
C CYS A 16 -0.88 0.48 2.88
N GLN A 17 -1.83 1.23 2.30
CA GLN A 17 -2.79 2.13 3.02
C GLN A 17 -4.24 1.56 2.88
N LEU A 18 -5.21 2.32 2.35
CA LEU A 18 -6.51 1.80 1.83
C LEU A 18 -6.46 1.69 0.26
N PHE A 19 -6.97 0.61 -0.35
CA PHE A 19 -7.04 0.42 -1.83
C PHE A 19 -8.24 1.32 -2.25
N VAL A 1 1.67 -10.52 0.62
CA VAL A 1 1.18 -9.79 -0.59
C VAL A 1 0.15 -8.70 -0.12
N CYS A 2 0.59 -7.49 0.28
CA CYS A 2 -0.30 -6.31 0.50
C CYS A 2 -1.61 -6.68 1.27
N ALA A 3 -2.76 -6.67 0.59
CA ALA A 3 -4.13 -6.91 1.17
C ALA A 3 -5.27 -6.54 0.16
N GLU A 4 -6.29 -7.41 -0.03
CA GLU A 4 -7.46 -7.11 -0.90
C GLU A 4 -8.16 -5.77 -0.45
N GLY A 5 -7.77 -4.64 -1.07
CA GLY A 5 -8.25 -3.28 -0.69
C GLY A 5 -7.06 -2.35 -0.27
N PHE A 6 -5.83 -2.62 -0.76
CA PHE A 6 -4.59 -1.92 -0.33
C PHE A 6 -3.62 -1.53 -1.49
N ALA A 7 -2.77 -0.51 -1.30
CA ALA A 7 -2.04 0.19 -2.41
C ALA A 7 -0.76 0.96 -1.88
N PRO A 8 0.14 1.55 -2.72
CA PRO A 8 1.48 2.02 -2.26
C PRO A 8 1.42 3.16 -1.19
N ILE A 9 2.53 3.80 -0.75
CA ILE A 9 2.56 4.91 0.26
C ILE A 9 3.23 6.26 -0.22
N PRO A 10 2.78 7.50 0.20
CA PRO A 10 3.18 8.76 -0.48
C PRO A 10 4.73 9.01 -0.54
N GLY A 11 5.62 8.38 0.28
CA GLY A 11 7.09 8.63 0.22
C GLY A 11 7.94 7.35 0.53
N GLU A 12 7.39 6.37 1.25
CA GLU A 12 8.06 5.06 1.51
C GLU A 12 7.32 3.85 0.81
N PRO A 13 7.56 3.50 -0.50
CA PRO A 13 6.63 2.61 -1.26
C PRO A 13 6.91 1.07 -1.11
N HIS A 14 7.27 0.50 0.06
CA HIS A 14 7.37 -0.98 0.32
C HIS A 14 6.09 -1.67 0.89
N ARG A 15 5.39 -0.99 1.84
CA ARG A 15 4.18 -1.54 2.51
C ARG A 15 2.91 -0.66 2.21
N CYS A 16 1.70 -1.21 2.37
CA CYS A 16 0.44 -0.59 1.85
C CYS A 16 -0.19 0.40 2.88
N GLN A 17 -1.50 0.67 2.77
CA GLN A 17 -2.24 1.69 3.57
C GLN A 17 -3.78 1.55 3.30
N LEU A 18 -4.21 1.67 2.04
CA LEU A 18 -5.63 1.56 1.61
C LEU A 18 -5.74 1.27 0.06
N PHE A 19 -6.96 1.09 -0.48
CA PHE A 19 -7.23 0.88 -1.93
C PHE A 19 -7.88 2.21 -2.39
N VAL A 1 1.08 -8.57 -4.27
CA VAL A 1 0.61 -7.14 -4.28
C VAL A 1 -0.06 -6.84 -2.89
N CYS A 2 0.69 -6.62 -1.81
CA CYS A 2 0.13 -6.24 -0.47
C CYS A 2 -1.00 -7.22 0.00
N ALA A 3 -2.27 -6.88 -0.26
CA ALA A 3 -3.48 -7.53 0.32
C ALA A 3 -4.82 -6.99 -0.30
N GLU A 4 -5.97 -7.62 -0.03
CA GLU A 4 -7.30 -7.15 -0.50
C GLU A 4 -7.71 -5.78 0.16
N GLY A 5 -7.90 -4.74 -0.69
CA GLY A 5 -8.23 -3.35 -0.26
C GLY A 5 -6.98 -2.46 0.06
N PHE A 6 -5.85 -2.69 -0.62
CA PHE A 6 -4.56 -2.00 -0.31
C PHE A 6 -3.75 -1.48 -1.55
N ALA A 7 -2.99 -0.38 -1.38
CA ALA A 7 -2.25 0.31 -2.48
C ALA A 7 -0.86 0.89 -1.99
N PRO A 8 0.07 1.41 -2.85
CA PRO A 8 1.40 1.88 -2.39
C PRO A 8 1.34 3.08 -1.37
N ILE A 9 2.46 3.67 -0.87
CA ILE A 9 2.48 4.83 0.07
C ILE A 9 3.30 6.10 -0.41
N PRO A 10 2.98 7.38 -0.03
CA PRO A 10 3.69 8.57 -0.57
C PRO A 10 5.16 8.74 -0.04
N GLY A 11 6.25 8.31 -0.74
CA GLY A 11 7.65 8.50 -0.25
C GLY A 11 8.23 7.20 0.39
N GLU A 12 7.39 6.25 0.83
CA GLU A 12 7.82 4.92 1.35
C GLU A 12 7.07 3.71 0.67
N PRO A 13 7.45 3.19 -0.53
CA PRO A 13 6.61 2.20 -1.27
C PRO A 13 6.83 0.70 -0.83
N HIS A 14 7.05 0.35 0.45
CA HIS A 14 7.17 -1.05 0.97
C HIS A 14 5.91 -1.63 1.70
N ARG A 15 5.22 -0.80 2.51
CA ARG A 15 3.93 -1.18 3.15
C ARG A 15 2.73 -0.28 2.66
N CYS A 16 1.49 -0.60 3.06
CA CYS A 16 0.26 -0.04 2.44
C CYS A 16 -0.61 0.76 3.48
N GLN A 17 -1.76 1.28 3.05
CA GLN A 17 -2.55 2.34 3.76
C GLN A 17 -4.09 2.13 3.49
N LEU A 18 -4.48 2.02 2.21
CA LEU A 18 -5.90 1.82 1.78
C LEU A 18 -5.99 1.36 0.27
N PHE A 19 -7.19 1.08 -0.25
CA PHE A 19 -7.44 0.75 -1.68
C PHE A 19 -8.30 1.96 -2.18
#